data_3LYV
#
_entry.id   3LYV
#
_cell.length_a   51.602
_cell.length_b   64.677
_cell.length_c   69.563
_cell.angle_alpha   90.00
_cell.angle_beta   96.60
_cell.angle_gamma   90.00
#
_symmetry.space_group_name_H-M   'P 1 21 1'
#
_entity_poly.entity_id   1
_entity_poly.type   'polypeptide(L)'
_entity_poly.pdbx_seq_one_letter_code
;(MSE)QVVRTKNVTLKP(MSE)DVEEARLQ(MSE)ELLGHDFFIYTDSEDGATNILYRREDGNLGLIEAKLEHHHHHH
;
_entity_poly.pdbx_strand_id   A,B,C,D,E,F
#
# COMPACT_ATOMS: atom_id res chain seq x y z
N GLN A 2 44.77 3.15 8.48
CA GLN A 2 43.61 3.57 7.72
C GLN A 2 42.63 4.29 8.64
N VAL A 3 42.25 5.49 8.24
CA VAL A 3 41.32 6.31 9.00
C VAL A 3 39.94 6.36 8.32
N VAL A 4 38.93 5.90 9.05
CA VAL A 4 37.57 5.87 8.56
C VAL A 4 36.82 7.07 9.15
N ARG A 5 36.48 8.03 8.30
CA ARG A 5 35.77 9.20 8.76
C ARG A 5 34.33 8.82 9.09
N THR A 6 33.93 9.11 10.31
CA THR A 6 32.58 8.80 10.76
C THR A 6 31.59 9.93 10.50
N LYS A 7 30.44 9.56 9.96
CA LYS A 7 29.41 10.55 9.71
C LYS A 7 28.26 10.17 10.65
N ASN A 8 28.10 10.95 11.72
CA ASN A 8 27.05 10.71 12.70
C ASN A 8 25.67 11.15 12.24
N VAL A 9 24.70 10.26 12.42
CA VAL A 9 23.32 10.49 12.03
C VAL A 9 22.38 10.01 13.14
N THR A 10 21.28 10.73 13.34
CA THR A 10 20.32 10.34 14.36
C THR A 10 19.14 9.63 13.72
N LEU A 11 18.92 8.40 14.16
CA LEU A 11 17.84 7.53 13.68
C LEU A 11 16.44 8.14 13.86
N LYS A 12 15.62 8.09 12.82
CA LYS A 12 14.25 8.65 12.86
C LYS A 12 13.21 7.79 12.14
N PRO A 13 11.95 7.86 12.60
CA PRO A 13 10.86 7.08 11.99
C PRO A 13 10.29 7.73 10.73
N ASP A 15 8.41 6.61 6.45
CA ASP A 15 7.99 5.64 5.43
C ASP A 15 9.20 5.30 4.58
N VAL A 16 9.19 4.16 3.91
CA VAL A 16 10.31 3.82 3.06
C VAL A 16 10.35 4.80 1.86
N GLU A 17 9.18 5.36 1.52
CA GLU A 17 9.08 6.32 0.42
C GLU A 17 9.80 7.60 0.81
N GLU A 18 9.72 7.92 2.10
CA GLU A 18 10.36 9.09 2.69
C GLU A 18 11.88 8.90 2.69
N ALA A 19 12.31 7.71 3.10
CA ALA A 19 13.72 7.39 3.16
C ALA A 19 14.31 7.53 1.77
N ARG A 20 13.57 7.09 0.76
CA ARG A 20 14.05 7.18 -0.60
C ARG A 20 14.18 8.64 -0.99
N LEU A 21 13.16 9.44 -0.65
CA LEU A 21 13.20 10.88 -0.95
C LEU A 21 14.44 11.50 -0.33
N GLN A 22 14.56 11.39 0.99
CA GLN A 22 15.70 11.95 1.71
C GLN A 22 17.06 11.42 1.27
N GLU A 24 17.92 10.43 -1.72
CA GLU A 24 18.17 11.09 -3.00
C GLU A 24 18.52 12.57 -2.85
N LEU A 25 17.93 13.23 -1.87
CA LEU A 25 18.23 14.64 -1.63
C LEU A 25 19.62 14.76 -1.01
N LEU A 26 20.42 13.71 -1.12
CA LEU A 26 21.78 13.72 -0.60
C LEU A 26 22.62 12.83 -1.49
N GLY A 27 21.96 12.07 -2.37
CA GLY A 27 22.67 11.14 -3.23
C GLY A 27 23.58 10.34 -2.33
N HIS A 28 23.03 9.35 -1.61
CA HIS A 28 23.83 8.59 -0.66
C HIS A 28 24.00 7.09 -0.76
N ASP A 29 23.21 6.41 -1.56
CA ASP A 29 23.39 4.96 -1.62
C ASP A 29 23.02 4.21 -0.33
N PHE A 30 23.01 4.90 0.80
CA PHE A 30 22.64 4.29 2.08
C PHE A 30 21.79 5.26 2.89
N PHE A 31 20.65 4.79 3.40
CA PHE A 31 19.85 5.63 4.28
C PHE A 31 19.26 4.71 5.34
N ILE A 32 19.64 4.95 6.59
CA ILE A 32 19.17 4.15 7.73
C ILE A 32 18.10 4.94 8.51
N TYR A 33 17.01 4.27 8.80
CA TYR A 33 15.90 4.90 9.51
C TYR A 33 15.12 3.82 10.26
N THR A 34 14.14 4.24 11.04
CA THR A 34 13.32 3.29 11.75
C THR A 34 11.93 3.30 11.09
N ASP A 35 11.55 2.14 10.55
CA ASP A 35 10.28 1.96 9.86
C ASP A 35 9.08 2.43 10.65
N SER A 36 8.31 3.32 10.05
CA SER A 36 7.12 3.93 10.63
C SER A 36 6.06 2.94 11.11
N GLU A 37 5.86 1.86 10.37
CA GLU A 37 4.86 0.90 10.77
C GLU A 37 5.45 -0.27 11.54
N ASP A 38 6.56 -0.79 11.03
CA ASP A 38 7.22 -1.93 11.66
C ASP A 38 7.99 -1.60 12.94
N GLY A 39 8.51 -0.39 13.05
CA GLY A 39 9.23 -0.01 14.25
C GLY A 39 10.68 -0.44 14.34
N ALA A 40 11.08 -1.31 13.41
CA ALA A 40 12.45 -1.82 13.36
C ALA A 40 13.41 -0.94 12.53
N THR A 41 14.71 -1.08 12.81
CA THR A 41 15.75 -0.34 12.10
C THR A 41 15.90 -0.81 10.66
N ASN A 42 15.74 0.13 9.73
CA ASN A 42 15.85 -0.20 8.31
C ASN A 42 16.94 0.53 7.54
N ILE A 43 17.54 -0.19 6.59
CA ILE A 43 18.59 0.40 5.79
C ILE A 43 18.25 0.30 4.30
N LEU A 44 17.81 1.42 3.74
CA LEU A 44 17.53 1.49 2.31
C LEU A 44 18.92 1.70 1.67
N TYR A 45 19.17 1.01 0.56
CA TYR A 45 20.46 1.11 -0.12
C TYR A 45 20.34 0.81 -1.61
N ARG A 46 21.18 1.47 -2.38
CA ARG A 46 21.20 1.28 -3.82
C ARG A 46 22.18 0.15 -4.14
N ARG A 47 21.66 -0.92 -4.74
CA ARG A 47 22.45 -2.10 -5.13
C ARG A 47 23.41 -1.77 -6.27
N GLU A 48 24.33 -2.68 -6.57
CA GLU A 48 25.27 -2.48 -7.67
C GLU A 48 24.39 -2.58 -8.91
N ASP A 49 23.20 -3.14 -8.67
CA ASP A 49 22.14 -3.34 -9.64
C ASP A 49 21.61 -1.99 -10.13
N GLY A 50 21.60 -1.03 -9.22
CA GLY A 50 21.07 0.28 -9.54
C GLY A 50 19.72 0.37 -8.84
N ASN A 51 19.13 -0.80 -8.64
CA ASN A 51 17.83 -0.88 -7.96
C ASN A 51 18.04 -0.70 -6.47
N LEU A 52 16.94 -0.58 -5.76
CA LEU A 52 17.00 -0.38 -4.33
C LEU A 52 16.85 -1.71 -3.58
N GLY A 53 17.49 -1.75 -2.41
CA GLY A 53 17.44 -2.92 -1.56
C GLY A 53 17.12 -2.47 -0.15
N LEU A 54 16.29 -3.23 0.54
CA LEU A 54 15.89 -2.89 1.90
C LEU A 54 16.35 -3.93 2.90
N ILE A 55 17.18 -3.49 3.85
CA ILE A 55 17.68 -4.37 4.90
C ILE A 55 17.06 -4.00 6.26
N GLU A 56 16.71 -5.02 7.03
CA GLU A 56 16.12 -4.81 8.35
C GLU A 56 17.11 -5.36 9.36
N ALA A 57 17.65 -4.48 10.20
CA ALA A 57 18.64 -4.87 11.19
C ALA A 57 18.01 -5.38 12.48
N LYS A 58 18.00 -6.70 12.60
CA LYS A 58 17.47 -7.40 13.75
C LYS A 58 18.32 -7.06 14.98
N LEU A 59 17.72 -6.37 15.93
CA LEU A 59 18.39 -5.98 17.15
C LEU A 59 18.71 -7.23 17.99
N GLU A 60 18.17 -8.36 17.56
CA GLU A 60 18.36 -9.64 18.22
C GLU A 60 19.69 -9.74 18.96
N GLN B 2 3.83 31.25 28.53
CA GLN B 2 3.46 32.57 29.12
C GLN B 2 3.13 33.59 28.02
N VAL B 3 4.16 34.20 27.44
CA VAL B 3 4.01 35.19 26.36
C VAL B 3 4.62 34.64 25.07
N VAL B 4 3.86 34.68 23.98
CA VAL B 4 4.33 34.17 22.69
C VAL B 4 4.21 35.16 21.53
N ARG B 5 5.26 35.21 20.70
CA ARG B 5 5.29 36.08 19.53
C ARG B 5 4.97 35.22 18.30
N THR B 6 4.10 35.73 17.45
CA THR B 6 3.72 35.02 16.24
C THR B 6 4.83 34.94 15.20
N LYS B 7 4.67 33.99 14.29
CA LYS B 7 5.62 33.83 13.20
C LYS B 7 4.79 34.02 11.95
N ASN B 8 5.28 34.83 11.02
CA ASN B 8 4.55 35.05 9.78
C ASN B 8 5.05 34.16 8.64
N VAL B 9 4.10 33.58 7.91
CA VAL B 9 4.41 32.75 6.76
C VAL B 9 3.49 33.21 5.65
N THR B 10 3.97 33.12 4.42
CA THR B 10 3.15 33.52 3.27
C THR B 10 2.86 32.26 2.51
N LEU B 11 1.58 31.88 2.45
CA LEU B 11 1.18 30.66 1.77
C LEU B 11 1.33 30.76 0.24
N LYS B 12 1.50 29.60 -0.38
CA LYS B 12 1.64 29.54 -1.82
C LYS B 12 0.92 28.31 -2.32
N PRO B 13 0.35 28.39 -3.53
CA PRO B 13 -0.35 27.20 -4.02
C PRO B 13 0.67 26.19 -4.55
N ASP B 15 0.95 21.35 -4.95
CA ASP B 15 0.40 20.02 -4.68
C ASP B 15 1.19 19.41 -3.53
N VAL B 16 0.69 18.32 -2.97
CA VAL B 16 1.34 17.64 -1.84
C VAL B 16 2.78 17.20 -2.14
N GLU B 17 3.11 16.97 -3.39
CA GLU B 17 4.46 16.58 -3.69
C GLU B 17 5.43 17.76 -3.54
N GLU B 18 5.05 18.93 -4.05
CA GLU B 18 5.90 20.12 -3.97
C GLU B 18 6.05 20.53 -2.51
N ALA B 19 4.96 20.42 -1.76
CA ALA B 19 4.98 20.74 -0.35
C ALA B 19 5.89 19.76 0.38
N ARG B 20 5.80 18.48 0.04
CA ARG B 20 6.64 17.51 0.71
C ARG B 20 8.13 17.82 0.50
N LEU B 21 8.48 18.23 -0.71
CA LEU B 21 9.87 18.57 -1.01
C LEU B 21 10.29 19.81 -0.22
N GLN B 22 9.42 20.80 -0.13
CA GLN B 22 9.73 22.00 0.63
C GLN B 22 10.02 21.66 2.09
N GLU B 24 11.09 18.98 3.38
CA GLU B 24 12.38 18.29 3.47
C GLU B 24 13.54 19.28 3.40
N LEU B 25 13.46 20.21 2.47
CA LEU B 25 14.50 21.22 2.30
C LEU B 25 14.65 22.07 3.55
N LEU B 26 13.53 22.53 4.08
CA LEU B 26 13.57 23.34 5.29
C LEU B 26 13.87 22.47 6.52
N GLY B 27 14.03 21.16 6.32
CA GLY B 27 14.30 20.28 7.43
C GLY B 27 13.33 20.49 8.60
N HIS B 28 12.10 20.84 8.27
CA HIS B 28 11.07 21.07 9.28
C HIS B 28 10.14 19.88 9.37
N ASP B 29 9.35 19.81 10.45
CA ASP B 29 8.43 18.69 10.66
C ASP B 29 7.05 18.87 10.04
N PHE B 30 6.77 20.08 9.55
CA PHE B 30 5.49 20.34 8.90
C PHE B 30 5.67 21.45 7.87
N PHE B 31 4.62 21.71 7.10
CA PHE B 31 4.65 22.73 6.06
C PHE B 31 3.23 23.19 5.76
N ILE B 32 3.06 24.50 5.68
CA ILE B 32 1.75 25.11 5.44
C ILE B 32 1.75 25.71 4.07
N TYR B 33 0.68 25.45 3.31
CA TYR B 33 0.56 25.99 1.97
C TYR B 33 -0.89 25.99 1.56
N THR B 34 -1.14 26.48 0.35
CA THR B 34 -2.48 26.51 -0.24
C THR B 34 -2.55 25.37 -1.22
N ASP B 35 -3.59 24.52 -1.11
CA ASP B 35 -3.75 23.37 -1.99
C ASP B 35 -4.18 23.87 -3.36
N SER B 36 -3.31 23.67 -4.35
CA SER B 36 -3.60 24.12 -5.71
C SER B 36 -4.78 23.40 -6.40
N GLU B 37 -5.46 22.51 -5.69
CA GLU B 37 -6.58 21.79 -6.29
C GLU B 37 -7.92 22.39 -5.83
N ASP B 38 -7.98 22.86 -4.58
CA ASP B 38 -9.21 23.43 -4.04
C ASP B 38 -9.01 24.77 -3.32
N GLY B 39 -7.80 25.32 -3.41
CA GLY B 39 -7.52 26.58 -2.76
C GLY B 39 -7.59 26.57 -1.25
N ALA B 40 -7.62 25.39 -0.65
CA ALA B 40 -7.68 25.26 0.81
C ALA B 40 -6.32 25.49 1.48
N THR B 41 -6.34 25.80 2.78
CA THR B 41 -5.11 26.00 3.54
C THR B 41 -4.72 24.61 4.09
N ASN B 42 -3.51 24.18 3.74
CA ASN B 42 -3.05 22.84 4.14
C ASN B 42 -1.84 22.77 5.03
N ILE B 43 -1.81 21.71 5.82
CA ILE B 43 -0.70 21.50 6.72
C ILE B 43 -0.23 20.06 6.54
N LEU B 44 0.90 19.91 5.86
CA LEU B 44 1.50 18.60 5.67
C LEU B 44 2.36 18.42 6.92
N TYR B 45 2.23 17.30 7.59
CA TYR B 45 3.03 17.15 8.79
C TYR B 45 3.40 15.73 9.12
N ARG B 46 4.46 15.62 9.89
CA ARG B 46 4.97 14.34 10.31
C ARG B 46 4.23 13.89 11.57
N ARG B 47 3.60 12.73 11.49
CA ARG B 47 2.89 12.15 12.63
C ARG B 47 3.89 11.62 13.65
N GLU B 48 3.40 11.11 14.77
CA GLU B 48 4.27 10.57 15.81
C GLU B 48 4.95 9.30 15.25
N ASP B 49 4.16 8.44 14.61
CA ASP B 49 4.70 7.20 14.08
C ASP B 49 5.69 7.44 12.96
N GLY B 50 5.93 8.70 12.63
CA GLY B 50 6.87 9.02 11.56
C GLY B 50 6.24 9.18 10.19
N ASN B 51 4.99 8.78 10.03
CA ASN B 51 4.31 8.92 8.75
C ASN B 51 3.88 10.35 8.44
N LEU B 52 3.46 10.59 7.20
CA LEU B 52 3.04 11.92 6.80
C LEU B 52 1.52 12.05 6.79
N GLY B 53 1.03 13.12 7.40
CA GLY B 53 -0.40 13.40 7.44
C GLY B 53 -0.68 14.78 6.87
N LEU B 54 -1.92 15.04 6.48
CA LEU B 54 -2.28 16.35 5.95
C LEU B 54 -3.58 16.85 6.59
N ILE B 55 -3.65 18.15 6.84
CA ILE B 55 -4.87 18.75 7.37
C ILE B 55 -5.27 19.80 6.35
N GLU B 56 -6.53 19.76 5.95
CA GLU B 56 -7.08 20.73 4.98
C GLU B 56 -8.13 21.58 5.68
N ALA B 57 -7.87 22.88 5.77
CA ALA B 57 -8.81 23.80 6.41
C ALA B 57 -9.53 24.63 5.35
N LYS B 58 -10.80 24.93 5.62
CA LYS B 58 -11.60 25.73 4.69
C LYS B 58 -12.83 26.30 5.42
N LEU B 59 -13.24 27.51 5.04
CA LEU B 59 -14.42 28.14 5.64
C LEU B 59 -15.63 27.27 5.34
N GLN C 2 -32.80 -0.07 -19.97
CA GLN C 2 -31.38 -0.04 -19.49
C GLN C 2 -31.06 -1.11 -18.45
N VAL C 3 -30.20 -2.05 -18.82
CA VAL C 3 -29.78 -3.15 -17.94
C VAL C 3 -28.51 -2.81 -17.15
N VAL C 4 -28.61 -2.93 -15.83
CA VAL C 4 -27.47 -2.67 -14.95
C VAL C 4 -26.85 -3.94 -14.36
N ARG C 5 -25.93 -4.52 -15.12
CA ARG C 5 -25.23 -5.72 -14.71
C ARG C 5 -24.44 -5.52 -13.41
N THR C 6 -25.07 -5.91 -12.30
CA THR C 6 -24.46 -5.79 -10.97
C THR C 6 -23.34 -6.81 -10.77
N LYS C 7 -22.44 -6.52 -9.83
CA LYS C 7 -21.32 -7.41 -9.53
C LYS C 7 -20.98 -7.36 -8.04
N ASN C 8 -21.36 -8.40 -7.31
CA ASN C 8 -21.07 -8.43 -5.88
C ASN C 8 -19.57 -8.40 -5.64
N VAL C 9 -19.16 -7.48 -4.77
CA VAL C 9 -17.76 -7.31 -4.44
C VAL C 9 -17.53 -7.21 -2.95
N THR C 10 -16.71 -8.10 -2.40
CA THR C 10 -16.42 -8.06 -0.98
C THR C 10 -15.08 -7.32 -0.79
N LEU C 11 -15.16 -6.08 -0.27
CA LEU C 11 -13.96 -5.28 -0.06
C LEU C 11 -12.88 -6.09 0.64
N LYS C 12 -11.65 -5.92 0.17
CA LYS C 12 -10.51 -6.62 0.74
C LYS C 12 -9.45 -5.61 1.14
N PRO C 13 -8.62 -5.95 2.14
CA PRO C 13 -7.55 -5.08 2.62
C PRO C 13 -6.30 -5.26 1.78
N ASP C 15 -2.43 -2.99 0.16
CA ASP C 15 -1.60 -1.81 -0.02
C ASP C 15 -2.15 -1.12 -1.28
N VAL C 16 -1.93 0.19 -1.41
CA VAL C 16 -2.38 0.90 -2.59
C VAL C 16 -1.61 0.40 -3.82
N GLU C 17 -0.35 0.03 -3.64
CA GLU C 17 0.44 -0.48 -4.76
C GLU C 17 -0.21 -1.74 -5.30
N GLU C 18 -0.78 -2.51 -4.37
CA GLU C 18 -1.47 -3.75 -4.66
C GLU C 18 -2.71 -3.43 -5.47
N ALA C 19 -3.45 -2.43 -5.01
CA ALA C 19 -4.67 -2.00 -5.65
C ALA C 19 -4.42 -1.54 -7.08
N ARG C 20 -3.31 -0.84 -7.30
CA ARG C 20 -2.98 -0.36 -8.63
C ARG C 20 -2.79 -1.51 -9.63
N LEU C 21 -2.08 -2.56 -9.21
CA LEU C 21 -1.84 -3.72 -10.07
C LEU C 21 -3.16 -4.41 -10.39
N GLN C 22 -3.92 -4.73 -9.34
CA GLN C 22 -5.20 -5.38 -9.52
C GLN C 22 -6.09 -4.55 -10.44
N GLU C 24 -5.25 -2.61 -12.84
CA GLU C 24 -4.77 -2.76 -14.22
C GLU C 24 -5.13 -4.13 -14.78
N LEU C 25 -4.97 -5.17 -13.97
CA LEU C 25 -5.32 -6.51 -14.43
C LEU C 25 -6.74 -6.44 -14.93
N LEU C 26 -7.67 -6.05 -14.04
CA LEU C 26 -9.09 -5.94 -14.38
C LEU C 26 -9.36 -4.96 -15.52
N GLY C 27 -8.36 -4.19 -15.92
CA GLY C 27 -8.53 -3.22 -16.99
C GLY C 27 -9.27 -1.94 -16.61
N HIS C 28 -9.76 -1.84 -15.37
CA HIS C 28 -10.50 -0.65 -14.92
C HIS C 28 -9.71 0.65 -14.67
N ASP C 29 -10.42 1.74 -14.40
CA ASP C 29 -9.77 3.00 -14.13
C ASP C 29 -10.12 3.52 -12.72
N PHE C 30 -10.66 2.62 -11.92
CA PHE C 30 -10.99 2.91 -10.52
C PHE C 30 -10.85 1.55 -9.81
N PHE C 31 -10.78 1.55 -8.49
CA PHE C 31 -10.65 0.29 -7.75
C PHE C 31 -10.95 0.51 -6.28
N ILE C 32 -12.01 -0.10 -5.76
CA ILE C 32 -12.35 0.08 -4.35
C ILE C 32 -11.65 -0.98 -3.46
N TYR C 33 -11.29 -0.60 -2.24
CA TYR C 33 -10.58 -1.53 -1.36
C TYR C 33 -10.41 -0.99 0.07
N THR C 34 -9.84 -1.82 0.95
CA THR C 34 -9.63 -1.43 2.35
C THR C 34 -8.17 -1.17 2.68
N ASP C 35 -7.86 -0.01 3.22
CA ASP C 35 -6.49 0.30 3.58
C ASP C 35 -5.90 -0.73 4.57
N SER C 36 -4.83 -1.41 4.15
CA SER C 36 -4.19 -2.39 5.01
C SER C 36 -3.69 -1.77 6.32
N GLU C 37 -3.58 -0.44 6.34
CA GLU C 37 -3.08 0.26 7.51
C GLU C 37 -4.12 0.90 8.42
N ASP C 38 -5.22 1.39 7.87
CA ASP C 38 -6.24 2.03 8.70
C ASP C 38 -7.68 1.61 8.42
N GLY C 39 -7.86 0.46 7.79
CA GLY C 39 -9.20 -0.04 7.51
C GLY C 39 -10.19 0.89 6.87
N ALA C 40 -9.71 2.03 6.39
CA ALA C 40 -10.57 2.99 5.71
C ALA C 40 -10.90 2.42 4.33
N THR C 41 -12.10 2.70 3.84
CA THR C 41 -12.55 2.27 2.52
C THR C 41 -11.96 3.26 1.52
N ASN C 42 -11.15 2.75 0.58
CA ASN C 42 -10.49 3.60 -0.41
C ASN C 42 -10.89 3.32 -1.84
N ILE C 43 -10.68 4.32 -2.69
CA ILE C 43 -10.98 4.17 -4.11
C ILE C 43 -9.88 4.81 -4.95
N LEU C 44 -8.98 3.97 -5.45
CA LEU C 44 -7.90 4.41 -6.30
C LEU C 44 -8.53 4.66 -7.68
N TYR C 45 -7.99 5.61 -8.43
CA TYR C 45 -8.54 5.91 -9.75
C TYR C 45 -7.66 6.85 -10.58
N ARG C 46 -7.70 6.66 -11.90
CA ARG C 46 -6.93 7.48 -12.82
C ARG C 46 -7.65 8.82 -12.98
N ARG C 47 -6.95 9.91 -12.67
CA ARG C 47 -7.53 11.24 -12.79
C ARG C 47 -7.47 11.74 -14.23
N GLU C 48 -8.04 12.92 -14.47
CA GLU C 48 -8.08 13.48 -15.80
C GLU C 48 -6.71 13.92 -16.31
N ASP C 49 -5.86 14.43 -15.42
CA ASP C 49 -4.53 14.88 -15.80
C ASP C 49 -3.64 13.69 -16.12
N GLY C 50 -4.21 12.49 -16.05
CA GLY C 50 -3.45 11.28 -16.34
C GLY C 50 -2.92 10.55 -15.12
N ASN C 51 -2.71 11.28 -14.03
CA ASN C 51 -2.21 10.70 -12.79
C ASN C 51 -3.37 10.04 -12.06
N LEU C 52 -3.07 9.32 -10.98
CA LEU C 52 -4.14 8.68 -10.25
C LEU C 52 -4.33 9.24 -8.86
N GLY C 53 -5.58 9.49 -8.51
CA GLY C 53 -5.89 10.03 -7.20
C GLY C 53 -6.38 8.92 -6.30
N LEU C 54 -6.69 9.27 -5.06
CA LEU C 54 -7.18 8.28 -4.12
C LEU C 54 -8.30 8.84 -3.27
N ILE C 55 -9.50 8.26 -3.41
CA ILE C 55 -10.66 8.68 -2.64
C ILE C 55 -10.86 7.81 -1.40
N GLU C 56 -11.27 8.46 -0.31
CA GLU C 56 -11.60 7.75 0.92
C GLU C 56 -13.11 7.93 1.11
N ALA C 57 -13.88 6.91 0.77
CA ALA C 57 -15.33 7.00 0.91
C ALA C 57 -15.71 7.07 2.39
N LYS C 58 -16.26 8.21 2.78
CA LYS C 58 -16.67 8.42 4.17
C LYS C 58 -18.18 8.19 4.31
N LEU C 59 -18.53 7.12 5.02
CA LEU C 59 -19.93 6.76 5.25
C LEU C 59 -20.21 6.62 6.74
N THR D 10 5.01 -28.31 -9.18
CA THR D 10 6.47 -28.02 -9.27
C THR D 10 6.78 -26.55 -8.99
N LEU D 11 8.03 -26.27 -8.63
CA LEU D 11 8.48 -24.90 -8.35
C LEU D 11 9.36 -24.35 -9.46
N LYS D 12 9.44 -23.03 -9.55
CA LYS D 12 10.21 -22.38 -10.58
C LYS D 12 10.89 -21.13 -9.99
N PRO D 13 12.01 -20.71 -10.59
CA PRO D 13 12.76 -19.53 -10.13
C PRO D 13 12.21 -18.22 -10.69
N ASP D 15 11.72 -13.60 -9.30
CA ASP D 15 11.88 -12.58 -8.26
C ASP D 15 10.53 -12.31 -7.59
N VAL D 16 10.55 -11.55 -6.50
CA VAL D 16 9.32 -11.24 -5.77
C VAL D 16 8.27 -10.55 -6.64
N GLU D 17 8.73 -9.75 -7.61
CA GLU D 17 7.84 -9.06 -8.51
C GLU D 17 7.08 -10.04 -9.38
N GLU D 18 7.80 -10.95 -10.01
CA GLU D 18 7.18 -11.95 -10.88
C GLU D 18 6.17 -12.81 -10.11
N ALA D 19 6.54 -13.19 -8.89
CA ALA D 19 5.66 -14.01 -8.07
C ALA D 19 4.40 -13.24 -7.77
N ARG D 20 4.57 -11.95 -7.47
CA ARG D 20 3.42 -11.10 -7.15
C ARG D 20 2.41 -11.18 -8.28
N LEU D 21 2.87 -10.97 -9.50
CA LEU D 21 2.01 -11.01 -10.68
C LEU D 21 1.33 -12.35 -10.86
N GLN D 22 2.10 -13.43 -10.76
CA GLN D 22 1.53 -14.77 -10.90
C GLN D 22 0.47 -15.04 -9.83
N GLU D 24 -1.37 -12.97 -8.40
CA GLU D 24 -2.56 -12.18 -8.69
C GLU D 24 -3.42 -12.89 -9.72
N LEU D 25 -2.76 -13.48 -10.72
CA LEU D 25 -3.44 -14.21 -11.78
C LEU D 25 -4.21 -15.41 -11.25
N LEU D 26 -3.56 -16.27 -10.48
CA LEU D 26 -4.25 -17.44 -9.93
C LEU D 26 -5.32 -17.05 -8.92
N GLY D 27 -5.32 -15.80 -8.48
CA GLY D 27 -6.31 -15.36 -7.53
C GLY D 27 -6.22 -16.00 -6.15
N HIS D 28 -5.08 -16.62 -5.83
CA HIS D 28 -4.90 -17.25 -4.53
C HIS D 28 -4.24 -16.30 -3.52
N ASP D 29 -4.29 -16.67 -2.25
CA ASP D 29 -3.73 -15.85 -1.17
C ASP D 29 -2.25 -16.13 -0.86
N PHE D 30 -1.63 -17.02 -1.62
CA PHE D 30 -0.21 -17.34 -1.45
C PHE D 30 0.29 -18.06 -2.69
N PHE D 31 1.58 -17.92 -2.99
CA PHE D 31 2.18 -18.52 -4.17
C PHE D 31 3.58 -19.09 -3.83
N ILE D 32 3.81 -20.37 -4.12
CA ILE D 32 5.10 -21.01 -3.84
C ILE D 32 6.02 -21.01 -5.05
N TYR D 33 7.27 -20.59 -4.86
CA TYR D 33 8.24 -20.53 -5.94
C TYR D 33 9.68 -20.62 -5.43
N THR D 34 10.63 -20.72 -6.35
CA THR D 34 12.04 -20.79 -5.97
C THR D 34 12.67 -19.42 -6.20
N ASP D 35 13.58 -19.05 -5.31
CA ASP D 35 14.26 -17.75 -5.38
C ASP D 35 15.58 -17.80 -6.16
N GLY D 39 18.83 -18.31 -3.47
CA GLY D 39 17.89 -19.11 -4.24
C GLY D 39 17.27 -20.25 -3.45
N ALA D 40 16.44 -19.90 -2.47
CA ALA D 40 15.76 -20.88 -1.61
C ALA D 40 14.24 -20.87 -1.81
N THR D 41 13.54 -21.82 -1.20
CA THR D 41 12.09 -21.92 -1.32
C THR D 41 11.39 -20.73 -0.68
N ASN D 42 10.56 -20.06 -1.46
CA ASN D 42 9.83 -18.88 -0.99
C ASN D 42 8.32 -18.98 -1.15
N ILE D 43 7.62 -18.29 -0.27
CA ILE D 43 6.18 -18.25 -0.33
C ILE D 43 5.72 -16.81 -0.16
N LEU D 44 5.18 -16.23 -1.23
CA LEU D 44 4.62 -14.88 -1.17
C LEU D 44 3.20 -15.09 -0.65
N TYR D 45 2.67 -14.15 0.12
CA TYR D 45 1.31 -14.32 0.63
C TYR D 45 0.72 -13.05 1.20
N ARG D 46 -0.57 -13.13 1.53
CA ARG D 46 -1.33 -12.03 2.09
C ARG D 46 -1.41 -12.14 3.58
N ARG D 47 -0.93 -11.11 4.28
CA ARG D 47 -0.95 -11.07 5.72
C ARG D 47 -2.36 -10.79 6.22
N GLU D 48 -2.53 -10.77 7.54
CA GLU D 48 -3.81 -10.50 8.17
C GLU D 48 -4.17 -9.03 7.88
N ASP D 49 -3.18 -8.16 7.97
CA ASP D 49 -3.42 -6.75 7.74
C ASP D 49 -3.64 -6.43 6.26
N GLY D 50 -3.52 -7.44 5.41
CA GLY D 50 -3.74 -7.22 4.00
C GLY D 50 -2.49 -6.99 3.18
N ASN D 51 -1.36 -6.81 3.86
CA ASN D 51 -0.07 -6.60 3.19
C ASN D 51 0.58 -7.89 2.71
N LEU D 52 1.63 -7.77 1.89
CA LEU D 52 2.29 -8.95 1.37
C LEU D 52 3.46 -9.40 2.24
N GLY D 53 3.39 -10.65 2.67
CA GLY D 53 4.45 -11.22 3.48
C GLY D 53 5.21 -12.14 2.57
N LEU D 54 6.41 -12.53 2.97
CA LEU D 54 7.22 -13.42 2.15
C LEU D 54 7.91 -14.42 3.08
N ILE D 55 7.69 -15.70 2.83
CA ILE D 55 8.31 -16.72 3.66
C ILE D 55 9.45 -17.38 2.90
N GLU D 56 10.66 -17.12 3.37
CA GLU D 56 11.88 -17.67 2.80
C GLU D 56 12.27 -18.84 3.70
N ALA D 57 12.37 -20.03 3.12
CA ALA D 57 12.71 -21.21 3.90
C ALA D 57 14.02 -21.82 3.49
N LYS D 58 14.83 -22.18 4.49
CA LYS D 58 16.12 -22.80 4.25
C LYS D 58 16.15 -24.10 5.07
N GLN E 2 6.43 -1.03 -3.50
CA GLN E 2 5.79 -1.88 -2.51
C GLN E 2 6.85 -2.77 -1.86
N VAL E 3 6.84 -2.85 -0.54
CA VAL E 3 7.82 -3.69 0.12
C VAL E 3 7.15 -4.88 0.77
N VAL E 4 7.71 -6.06 0.55
CA VAL E 4 7.17 -7.25 1.14
C VAL E 4 8.10 -7.66 2.27
N ARG E 5 7.53 -7.81 3.46
CA ARG E 5 8.26 -8.18 4.64
C ARG E 5 8.52 -9.69 4.66
N THR E 6 9.78 -10.06 4.58
CA THR E 6 10.13 -11.47 4.57
C THR E 6 10.49 -11.99 5.95
N LYS E 7 10.06 -13.22 6.21
CA LYS E 7 10.30 -13.92 7.48
C LYS E 7 11.09 -15.20 7.18
N ASN E 8 12.35 -15.23 7.59
CA ASN E 8 13.22 -16.39 7.39
C ASN E 8 12.86 -17.50 8.36
N VAL E 9 12.60 -18.69 7.81
CA VAL E 9 12.22 -19.84 8.62
C VAL E 9 13.00 -21.08 8.24
N THR E 10 13.34 -21.88 9.25
CA THR E 10 14.08 -23.11 9.01
C THR E 10 13.11 -24.30 9.00
N LEU E 11 12.85 -24.82 7.81
CA LEU E 11 11.94 -25.94 7.65
C LEU E 11 12.32 -27.11 8.54
N LYS E 12 11.42 -27.45 9.46
CA LYS E 12 11.62 -28.56 10.39
C LYS E 12 10.76 -29.78 10.04
N PRO E 13 11.27 -30.98 10.35
CA PRO E 13 10.53 -32.23 10.06
C PRO E 13 9.43 -32.48 11.09
N ASP E 15 4.95 -34.28 11.26
CA ASP E 15 3.84 -34.96 10.57
C ASP E 15 2.72 -33.98 10.28
N VAL E 16 1.80 -34.39 9.41
CA VAL E 16 0.67 -33.54 9.02
C VAL E 16 -0.21 -33.08 10.17
N GLU E 17 -0.25 -33.87 11.24
CA GLU E 17 -1.05 -33.55 12.42
C GLU E 17 -0.40 -32.32 13.05
N GLU E 18 0.83 -32.52 13.50
CA GLU E 18 1.63 -31.47 14.13
C GLU E 18 1.66 -30.22 13.25
N ALA E 19 1.93 -30.42 11.95
CA ALA E 19 1.98 -29.33 10.99
C ALA E 19 0.68 -28.54 10.92
N ARG E 20 -0.44 -29.27 10.90
CA ARG E 20 -1.77 -28.67 10.85
C ARG E 20 -2.04 -27.88 12.14
N LEU E 21 -1.47 -28.39 13.22
CA LEU E 21 -1.62 -27.78 14.53
C LEU E 21 -0.96 -26.41 14.57
N GLN E 22 0.09 -26.24 13.77
CA GLN E 22 0.82 -24.98 13.74
C GLN E 22 0.17 -23.92 12.88
N GLU E 24 -3.06 -23.36 12.72
CA GLU E 24 -4.04 -22.75 13.61
C GLU E 24 -3.36 -21.65 14.40
N LEU E 25 -2.24 -22.00 15.02
CA LEU E 25 -1.49 -21.05 15.80
C LEU E 25 -1.19 -19.81 14.98
N LEU E 26 -0.33 -19.95 13.99
CA LEU E 26 0.04 -18.84 13.12
C LEU E 26 -1.13 -18.16 12.41
N GLY E 27 -2.30 -18.79 12.43
CA GLY E 27 -3.45 -18.23 11.77
C GLY E 27 -3.25 -18.09 10.26
N HIS E 28 -2.53 -19.05 9.67
CA HIS E 28 -2.27 -19.02 8.23
C HIS E 28 -3.03 -20.09 7.46
N ASP E 29 -3.24 -19.83 6.18
CA ASP E 29 -3.97 -20.74 5.32
C ASP E 29 -3.01 -21.71 4.65
N PHE E 30 -1.76 -21.69 5.12
CA PHE E 30 -0.72 -22.57 4.58
C PHE E 30 0.36 -22.76 5.64
N PHE E 31 1.23 -23.74 5.42
CA PHE E 31 2.33 -24.03 6.33
C PHE E 31 3.35 -24.95 5.67
N ILE E 32 4.58 -24.47 5.56
CA ILE E 32 5.65 -25.24 4.93
C ILE E 32 6.52 -25.92 5.97
N TYR E 33 7.04 -27.08 5.61
CA TYR E 33 7.90 -27.87 6.49
C TYR E 33 8.46 -29.05 5.69
N THR E 34 9.70 -29.42 6.02
CA THR E 34 10.43 -30.52 5.36
C THR E 34 11.47 -31.05 6.36
N THR E 41 9.67 -30.80 0.86
CA THR E 41 8.95 -29.55 0.65
C THR E 41 7.45 -29.78 0.79
N ASN E 42 6.98 -29.86 2.04
CA ASN E 42 5.54 -30.06 2.30
C ASN E 42 4.88 -28.75 2.68
N ILE E 43 3.79 -28.43 2.00
CA ILE E 43 3.04 -27.20 2.28
C ILE E 43 1.56 -27.49 2.40
N LEU E 44 1.11 -27.66 3.63
CA LEU E 44 -0.30 -27.93 3.91
C LEU E 44 -1.07 -26.61 3.76
N TYR E 45 -2.21 -26.63 3.07
CA TYR E 45 -3.01 -25.41 2.90
C TYR E 45 -4.51 -25.64 2.76
N ARG E 46 -5.27 -24.64 3.21
CA ARG E 46 -6.72 -24.68 3.17
C ARG E 46 -7.22 -24.28 1.79
N ARG E 47 -8.53 -24.11 1.67
CA ARG E 47 -9.18 -23.75 0.41
C ARG E 47 -9.06 -24.87 -0.62
N GLU E 48 -8.97 -24.50 -1.91
CA GLU E 48 -8.89 -25.48 -2.97
C GLU E 48 -10.21 -26.25 -2.97
N ASP E 49 -10.20 -27.47 -2.44
CA ASP E 49 -11.40 -28.29 -2.35
C ASP E 49 -12.32 -27.71 -1.28
N GLY E 50 -11.72 -27.09 -0.27
CA GLY E 50 -12.45 -26.51 0.82
C GLY E 50 -11.91 -27.01 2.16
N ASN E 51 -10.89 -27.86 2.10
CA ASN E 51 -10.28 -28.42 3.30
C ASN E 51 -8.77 -28.54 3.18
N LEU E 52 -8.14 -28.90 4.28
CA LEU E 52 -6.69 -29.06 4.34
C LEU E 52 -6.18 -29.91 3.18
N GLY E 53 -5.08 -29.47 2.59
CA GLY E 53 -4.48 -30.18 1.46
C GLY E 53 -2.97 -30.04 1.55
N LEU E 54 -2.26 -31.15 1.36
CA LEU E 54 -0.80 -31.14 1.43
C LEU E 54 -0.18 -31.18 0.04
N ILE E 55 0.26 -30.01 -0.45
CA ILE E 55 0.90 -29.94 -1.76
C ILE E 55 2.09 -30.87 -1.79
N GLU E 56 2.37 -31.44 -2.96
CA GLU E 56 3.51 -32.34 -3.14
C GLU E 56 4.82 -31.61 -2.81
N GLN F 2 6.58 9.40 -6.40
CA GLN F 2 5.17 9.89 -6.40
C GLN F 2 4.54 9.80 -5.01
N VAL F 3 3.66 10.75 -4.71
CA VAL F 3 2.97 10.80 -3.42
C VAL F 3 1.55 11.34 -3.63
N VAL F 4 0.55 10.64 -3.12
CA VAL F 4 -0.82 11.10 -3.28
C VAL F 4 -1.40 11.62 -1.98
N ARG F 5 -2.41 12.47 -2.14
CA ARG F 5 -3.11 13.10 -1.04
C ARG F 5 -4.57 12.68 -1.03
N THR F 6 -4.93 11.86 -0.06
CA THR F 6 -6.31 11.39 0.07
C THR F 6 -7.33 12.51 -0.14
N LYS F 7 -8.48 12.15 -0.67
CA LYS F 7 -9.56 13.10 -0.93
C LYS F 7 -10.82 12.52 -0.34
N ASN F 8 -11.25 13.09 0.80
CA ASN F 8 -12.45 12.64 1.48
C ASN F 8 -13.71 13.12 0.77
N VAL F 9 -14.65 12.20 0.54
CA VAL F 9 -15.91 12.53 -0.09
C VAL F 9 -17.00 11.80 0.68
N THR F 10 -18.04 12.54 1.05
CA THR F 10 -19.15 11.97 1.80
C THR F 10 -20.20 11.49 0.81
N LEU F 11 -20.39 10.18 0.78
CA LEU F 11 -21.33 9.55 -0.13
C LEU F 11 -22.77 9.95 0.14
N LYS F 12 -23.42 10.51 -0.88
CA LYS F 12 -24.82 10.92 -0.79
C LYS F 12 -25.74 9.72 -0.85
N PRO F 13 -27.04 9.93 -0.57
CA PRO F 13 -28.04 8.86 -0.61
C PRO F 13 -28.66 8.79 -1.99
N ASP F 15 -29.89 5.96 -5.50
CA ASP F 15 -30.48 4.67 -5.81
C ASP F 15 -29.82 4.00 -7.00
N VAL F 16 -29.71 4.73 -8.11
CA VAL F 16 -29.09 4.20 -9.32
C VAL F 16 -29.20 5.20 -10.47
N GLU F 17 -30.40 5.35 -11.00
CA GLU F 17 -30.63 6.28 -12.10
C GLU F 17 -29.90 7.60 -11.88
N GLU F 18 -30.35 8.35 -10.88
CA GLU F 18 -29.74 9.64 -10.56
C GLU F 18 -28.22 9.58 -10.68
N ALA F 19 -27.63 8.53 -10.10
CA ALA F 19 -26.17 8.32 -10.14
C ALA F 19 -25.60 8.37 -11.55
N ARG F 20 -26.41 7.96 -12.54
CA ARG F 20 -25.97 7.95 -13.93
C ARG F 20 -25.83 9.40 -14.39
N LEU F 21 -26.77 10.22 -13.96
CA LEU F 21 -26.78 11.64 -14.29
C LEU F 21 -25.57 12.29 -13.65
N GLN F 22 -25.40 12.04 -12.36
CA GLN F 22 -24.28 12.59 -11.62
C GLN F 22 -22.98 12.18 -12.26
N GLU F 24 -22.45 11.66 -15.30
CA GLU F 24 -22.29 12.37 -16.56
C GLU F 24 -21.84 13.81 -16.38
N LEU F 25 -22.52 14.54 -15.50
CA LEU F 25 -22.19 15.94 -15.24
C LEU F 25 -20.71 16.16 -14.93
N LEU F 26 -20.16 15.31 -14.07
CA LEU F 26 -18.76 15.41 -13.68
C LEU F 26 -17.94 14.75 -14.79
N GLY F 27 -18.59 13.88 -15.54
CA GLY F 27 -17.93 13.19 -16.63
C GLY F 27 -16.62 12.54 -16.22
N HIS F 28 -16.68 11.60 -15.28
CA HIS F 28 -15.47 10.92 -14.84
C HIS F 28 -15.52 9.42 -15.16
N ASP F 29 -16.67 8.97 -15.67
CA ASP F 29 -16.86 7.57 -16.08
C ASP F 29 -16.97 6.48 -14.99
N PHE F 30 -17.34 6.92 -13.79
CA PHE F 30 -17.55 6.04 -12.65
C PHE F 30 -18.12 6.94 -11.57
N PHE F 31 -18.83 6.36 -10.61
CA PHE F 31 -19.42 7.19 -9.57
C PHE F 31 -19.69 6.38 -8.32
N ILE F 32 -19.22 6.88 -7.18
CA ILE F 32 -19.38 6.18 -5.90
C ILE F 32 -20.49 6.77 -5.04
N TYR F 33 -21.38 5.90 -4.57
CA TYR F 33 -22.51 6.32 -3.75
C TYR F 33 -22.95 5.20 -2.79
N THR F 34 -23.85 5.56 -1.86
CA THR F 34 -24.36 4.61 -0.89
C THR F 34 -25.87 4.85 -0.76
N THR F 41 -22.30 0.48 0.08
CA THR F 41 -21.96 1.48 -0.92
C THR F 41 -21.69 0.80 -2.26
N ASN F 42 -21.93 1.52 -3.35
CA ASN F 42 -21.69 0.96 -4.68
C ASN F 42 -20.98 1.99 -5.58
N ILE F 43 -20.56 1.53 -6.76
CA ILE F 43 -19.91 2.38 -7.72
C ILE F 43 -20.52 2.13 -9.09
N LEU F 44 -21.15 3.13 -9.68
CA LEU F 44 -21.72 2.99 -11.02
C LEU F 44 -20.61 3.35 -12.01
N TYR F 45 -20.43 2.55 -13.05
CA TYR F 45 -19.39 2.86 -14.03
C TYR F 45 -19.70 2.44 -15.47
N ARG F 46 -18.96 3.01 -16.41
CA ARG F 46 -19.14 2.68 -17.82
C ARG F 46 -18.13 1.62 -18.23
N ARG F 47 -18.29 1.04 -19.42
CA ARG F 47 -17.36 0.00 -19.89
C ARG F 47 -17.09 0.09 -21.38
N ASP F 49 -18.52 -3.77 -23.16
CA ASP F 49 -17.54 -2.72 -23.40
C ASP F 49 -18.23 -1.40 -23.71
N GLY F 50 -19.35 -1.15 -23.05
CA GLY F 50 -20.09 0.08 -23.25
C GLY F 50 -21.26 0.19 -22.31
N ASN F 51 -21.72 -0.95 -21.83
CA ASN F 51 -22.86 -1.02 -20.92
C ASN F 51 -22.49 -0.59 -19.50
N LEU F 52 -23.49 -0.25 -18.70
CA LEU F 52 -23.30 0.17 -17.32
C LEU F 52 -23.27 -1.00 -16.33
N GLY F 53 -22.16 -1.12 -15.61
CA GLY F 53 -22.03 -2.16 -14.61
C GLY F 53 -22.27 -1.52 -13.25
N LEU F 54 -22.26 -2.30 -12.19
CA LEU F 54 -22.47 -1.75 -10.87
C LEU F 54 -21.86 -2.61 -9.78
N ILE F 55 -20.91 -2.05 -9.05
CA ILE F 55 -20.24 -2.74 -7.98
C ILE F 55 -20.91 -2.42 -6.64
N GLU F 56 -21.00 -3.41 -5.76
CA GLU F 56 -21.61 -3.22 -4.46
C GLU F 56 -20.69 -3.72 -3.35
N ALA F 57 -20.40 -2.84 -2.38
CA ALA F 57 -19.53 -3.18 -1.26
C ALA F 57 -20.22 -4.08 -0.22
#